data_8H63
#
_entry.id   8H63
#
_cell.length_a   151.581
_cell.length_b   52.420
_cell.length_c   103.060
_cell.angle_alpha   90.000
_cell.angle_beta   128.650
_cell.angle_gamma   90.000
#
_symmetry.space_group_name_H-M   'C 1 2 1'
#
loop_
_entity.id
_entity.type
_entity.pdbx_description
1 polymer 'Internalin A'
2 polymer VHH10
3 non-polymer '4-(2-HYDROXYETHYL)-1-PIPERAZINE ETHANESULFONIC ACID'
4 non-polymer 'ISOPROPYL ALCOHOL'
5 non-polymer GLYCEROL
6 non-polymer 'SODIUM ION'
7 water water
#
loop_
_entity_poly.entity_id
_entity_poly.type
_entity_poly.pdbx_seq_one_letter_code
_entity_poly.pdbx_strand_id
1 'polypeptide(L)'
;SATITQDTPINQIFTDTALAEKMKTVLGKTNVTDTVSQTDLDQVTTLQADRLGIKSIDGVEYLNNLTQINFSNNQLTDIT
PLKNLTKLVDILMNNNQIADITPLANLTNLTGLTLFNNQITDIDPLKNLTNLNRLELSSNTISDISALSGLTSLQQLSFG
NQVTDLKPLANLTTLERLDISSNKVSDISVLAKLTNLESLIATNNQISDITPLGILTNLDELSLNGNQLKDIGTLASLTN
LTDLDLANNQISNLAPLSGLTKLTELKLGANQISNISPLAGLTALTNLELNENQLEDISPISNLKNLTYLTLYFNNISDI
SPVSSLTKLQRLFFYNNKVSDVSSLANLTNINWLSAGHNQISDLTPLANLTRITQLGLNDQAWTNAPVNYKANVSIPNTV
KNVTGALIAPATISDGGSYTEPDITWNLPSYTNEVSYTFSQPVTIGKGTTTFSGTVTQPLKA
;
A
2 'polypeptide(L)'
;ELQLVESGGGLVQAGGSLTVSCAASGSAFSVNVMGWSRQAPGKERELVAGITRRGNTYYADTVKGRFTISRDNAKNTLYL
QMNSLKPEDTAMYYCAALADIATMGPNDYWGQGTQVTVSG
;
B
#
# COMPACT_ATOMS: atom_id res chain seq x y z
N SER A 1 0.33 -46.04 -4.79
CA SER A 1 -0.48 -45.15 -5.66
C SER A 1 -1.96 -45.31 -5.32
N ALA A 2 -2.80 -44.40 -5.79
CA ALA A 2 -4.28 -44.53 -5.71
C ALA A 2 -4.78 -44.78 -7.14
N THR A 3 -5.49 -45.89 -7.36
CA THR A 3 -5.89 -46.29 -8.72
C THR A 3 -7.32 -46.85 -8.70
N ILE A 4 -8.00 -46.72 -9.84
CA ILE A 4 -9.32 -47.34 -10.09
C ILE A 4 -9.10 -48.53 -11.02
N THR A 5 -9.92 -49.56 -10.85
CA THR A 5 -9.82 -50.84 -11.61
C THR A 5 -11.00 -50.91 -12.58
N GLN A 6 -11.89 -49.91 -12.52
CA GLN A 6 -13.04 -49.74 -13.46
C GLN A 6 -13.27 -48.25 -13.69
N ASP A 7 -13.77 -47.90 -14.87
CA ASP A 7 -14.06 -46.48 -15.19
C ASP A 7 -15.07 -46.00 -14.16
N THR A 8 -14.88 -44.77 -13.70
CA THR A 8 -15.58 -44.24 -12.52
C THR A 8 -16.00 -42.83 -12.84
N PRO A 9 -17.22 -42.40 -12.44
CA PRO A 9 -17.65 -41.04 -12.72
C PRO A 9 -16.72 -40.00 -12.06
N ILE A 10 -16.57 -38.85 -12.70
CA ILE A 10 -15.62 -37.79 -12.22
C ILE A 10 -16.04 -37.37 -10.80
N ASN A 11 -17.34 -37.15 -10.57
CA ASN A 11 -17.90 -36.59 -9.30
C ASN A 11 -17.90 -37.61 -8.16
N GLN A 12 -17.58 -38.87 -8.42
CA GLN A 12 -17.38 -39.85 -7.33
CA GLN A 12 -17.35 -39.94 -7.39
C GLN A 12 -15.89 -39.84 -6.95
N ILE A 13 -15.03 -39.30 -7.82
CA ILE A 13 -13.59 -39.16 -7.48
C ILE A 13 -13.40 -37.79 -6.82
N PHE A 14 -13.81 -36.74 -7.52
CA PHE A 14 -13.64 -35.33 -7.11
C PHE A 14 -14.98 -34.87 -6.51
N THR A 15 -15.15 -35.03 -5.20
CA THR A 15 -16.44 -34.75 -4.54
C THR A 15 -16.71 -33.24 -4.43
N ASP A 16 -15.69 -32.38 -4.52
CA ASP A 16 -15.93 -30.92 -4.49
C ASP A 16 -16.57 -30.47 -5.81
N THR A 17 -17.64 -29.68 -5.74
CA THR A 17 -18.38 -29.28 -6.95
C THR A 17 -17.47 -28.52 -7.92
N ALA A 18 -16.77 -27.49 -7.44
CA ALA A 18 -15.94 -26.67 -8.35
C ALA A 18 -14.78 -27.52 -8.89
N LEU A 19 -14.18 -28.40 -8.08
CA LEU A 19 -13.05 -29.20 -8.56
C LEU A 19 -13.55 -30.23 -9.60
N ALA A 20 -14.71 -30.84 -9.39
CA ALA A 20 -15.26 -31.81 -10.37
C ALA A 20 -15.47 -31.09 -11.71
N GLU A 21 -16.02 -29.88 -11.70
CA GLU A 21 -16.27 -29.05 -12.90
C GLU A 21 -14.94 -28.76 -13.62
N LYS A 22 -13.92 -28.33 -12.88
CA LYS A 22 -12.56 -28.16 -13.41
C LYS A 22 -12.03 -29.46 -14.01
N MET A 23 -12.15 -30.61 -13.32
CA MET A 23 -11.59 -31.88 -13.81
C MET A 23 -12.36 -32.34 -15.07
N LYS A 24 -13.65 -32.03 -15.15
CA LYS A 24 -14.46 -32.37 -16.36
C LYS A 24 -13.78 -31.71 -17.57
N THR A 25 -13.41 -30.43 -17.47
CA THR A 25 -12.72 -29.68 -18.54
C THR A 25 -11.32 -30.27 -18.79
N VAL A 26 -10.52 -30.48 -17.74
CA VAL A 26 -9.15 -31.04 -17.86
C VAL A 26 -9.15 -32.39 -18.58
N LEU A 27 -10.12 -33.26 -18.27
CA LEU A 27 -10.15 -34.66 -18.73
C LEU A 27 -10.95 -34.77 -20.05
N GLY A 28 -11.38 -33.64 -20.60
CA GLY A 28 -12.00 -33.50 -21.94
C GLY A 28 -13.37 -34.15 -22.02
N LYS A 29 -14.16 -34.10 -20.95
CA LYS A 29 -15.48 -34.77 -20.86
C LYS A 29 -16.55 -33.70 -20.92
N THR A 30 -17.81 -34.14 -21.01
CA THR A 30 -18.98 -33.29 -21.27
C THR A 30 -19.69 -32.98 -19.95
N ASN A 31 -19.73 -33.95 -19.03
CA ASN A 31 -20.49 -33.86 -17.75
C ASN A 31 -19.65 -34.38 -16.59
N VAL A 32 -19.91 -33.91 -15.37
CA VAL A 32 -19.16 -34.35 -14.16
C VAL A 32 -19.56 -35.77 -13.80
N THR A 33 -20.68 -36.27 -14.36
CA THR A 33 -21.17 -37.66 -14.21
C THR A 33 -20.48 -38.61 -15.21
N ASP A 34 -19.82 -38.11 -16.25
CA ASP A 34 -19.07 -38.96 -17.23
C ASP A 34 -17.98 -39.76 -16.51
N THR A 35 -17.81 -41.01 -16.91
CA THR A 35 -16.78 -41.91 -16.34
C THR A 35 -15.42 -41.53 -16.92
N VAL A 36 -14.38 -41.72 -16.15
CA VAL A 36 -12.98 -41.65 -16.62
C VAL A 36 -12.29 -42.93 -16.20
N SER A 37 -11.25 -43.28 -16.92
CA SER A 37 -10.38 -44.45 -16.71
C SER A 37 -9.17 -43.98 -15.90
N GLN A 38 -8.46 -44.90 -15.26
CA GLN A 38 -7.15 -44.58 -14.65
C GLN A 38 -6.23 -43.99 -15.74
N THR A 39 -6.31 -44.48 -16.98
CA THR A 39 -5.46 -43.95 -18.08
C THR A 39 -5.76 -42.45 -18.27
N ASP A 40 -7.03 -42.06 -18.24
CA ASP A 40 -7.40 -40.62 -18.32
C ASP A 40 -6.72 -39.84 -17.18
N LEU A 41 -6.86 -40.34 -15.95
CA LEU A 41 -6.31 -39.65 -14.76
C LEU A 41 -4.79 -39.58 -14.84
N ASP A 42 -4.16 -40.59 -15.41
CA ASP A 42 -2.68 -40.75 -15.51
C ASP A 42 -2.12 -39.64 -16.42
N GLN A 43 -2.95 -38.97 -17.22
CA GLN A 43 -2.47 -37.97 -18.23
C GLN A 43 -2.15 -36.65 -17.53
N VAL A 44 -2.73 -36.40 -16.35
CA VAL A 44 -2.74 -35.03 -15.77
C VAL A 44 -1.41 -34.83 -15.03
N THR A 45 -0.58 -33.89 -15.49
CA THR A 45 0.75 -33.64 -14.87
C THR A 45 0.80 -32.24 -14.28
N THR A 46 -0.05 -31.33 -14.75
CA THR A 46 -0.21 -29.99 -14.15
CA THR A 46 -0.21 -29.96 -14.20
C THR A 46 -1.70 -29.71 -13.92
N LEU A 47 -2.00 -28.98 -12.85
CA LEU A 47 -3.40 -28.62 -12.53
C LEU A 47 -3.42 -27.21 -11.97
N GLN A 48 -4.03 -26.29 -12.72
CA GLN A 48 -4.12 -24.87 -12.38
C GLN A 48 -5.56 -24.64 -12.00
N ALA A 49 -5.83 -24.57 -10.70
CA ALA A 49 -7.20 -24.52 -10.17
C ALA A 49 -7.32 -23.41 -9.12
N ASP A 50 -6.85 -22.22 -9.45
CA ASP A 50 -6.79 -21.09 -8.49
C ASP A 50 -8.11 -20.32 -8.51
N ARG A 51 -8.57 -19.92 -7.33
CA ARG A 51 -9.69 -18.97 -7.14
C ARG A 51 -10.98 -19.50 -7.80
N LEU A 52 -11.27 -20.77 -7.53
CA LEU A 52 -12.50 -21.44 -8.03
C LEU A 52 -13.49 -21.76 -6.89
N GLY A 53 -13.21 -21.39 -5.64
CA GLY A 53 -14.13 -21.71 -4.52
C GLY A 53 -14.08 -23.18 -4.14
N ILE A 54 -12.93 -23.82 -4.33
CA ILE A 54 -12.72 -25.25 -3.98
C ILE A 54 -12.52 -25.38 -2.48
N LYS A 55 -13.26 -26.31 -1.86
CA LYS A 55 -13.23 -26.55 -0.39
C LYS A 55 -12.46 -27.83 -0.08
N SER A 56 -12.33 -28.72 -1.06
CA SER A 56 -11.73 -30.05 -0.85
C SER A 56 -10.99 -30.45 -2.13
N ILE A 57 -9.82 -31.05 -1.97
CA ILE A 57 -9.06 -31.65 -3.10
C ILE A 57 -9.19 -33.18 -3.05
N ASP A 58 -10.17 -33.72 -2.34
CA ASP A 58 -10.45 -35.18 -2.36
C ASP A 58 -10.52 -35.61 -3.82
N GLY A 59 -9.81 -36.66 -4.16
CA GLY A 59 -9.77 -37.17 -5.55
C GLY A 59 -8.42 -36.91 -6.21
N VAL A 60 -7.68 -35.89 -5.80
CA VAL A 60 -6.39 -35.59 -6.51
CA VAL A 60 -6.38 -35.57 -6.46
C VAL A 60 -5.37 -36.70 -6.22
N GLU A 61 -5.59 -37.55 -5.19
CA GLU A 61 -4.68 -38.67 -4.91
C GLU A 61 -4.65 -39.62 -6.10
N TYR A 62 -5.68 -39.58 -6.94
CA TYR A 62 -5.79 -40.46 -8.13
C TYR A 62 -5.02 -39.86 -9.31
N LEU A 63 -4.51 -38.63 -9.21
CA LEU A 63 -3.72 -38.00 -10.30
C LEU A 63 -2.24 -38.25 -10.00
N ASN A 64 -1.81 -39.50 -10.04
CA ASN A 64 -0.53 -39.99 -9.53
C ASN A 64 0.66 -39.28 -10.21
N ASN A 65 0.46 -38.73 -11.41
CA ASN A 65 1.56 -38.21 -12.28
C ASN A 65 1.66 -36.70 -12.14
N LEU A 66 0.95 -36.09 -11.20
CA LEU A 66 1.05 -34.62 -11.00
C LEU A 66 2.47 -34.23 -10.59
N THR A 67 3.00 -33.22 -11.26
CA THR A 67 4.28 -32.60 -10.87
C THR A 67 4.06 -31.17 -10.39
N GLN A 68 3.01 -30.48 -10.81
CA GLN A 68 2.83 -29.05 -10.43
C GLN A 68 1.36 -28.79 -10.19
N ILE A 69 1.04 -28.15 -9.08
CA ILE A 69 -0.37 -27.81 -8.76
C ILE A 69 -0.47 -26.36 -8.31
N ASN A 70 -1.57 -25.74 -8.68
CA ASN A 70 -1.92 -24.40 -8.18
C ASN A 70 -3.36 -24.45 -7.65
N PHE A 71 -3.52 -24.49 -6.34
CA PHE A 71 -4.80 -24.35 -5.64
C PHE A 71 -4.81 -23.08 -4.80
N SER A 72 -4.11 -22.04 -5.24
CA SER A 72 -4.08 -20.76 -4.50
C SER A 72 -5.48 -20.12 -4.52
N ASN A 73 -5.77 -19.31 -3.50
CA ASN A 73 -6.97 -18.44 -3.42
C ASN A 73 -8.24 -19.30 -3.40
N ASN A 74 -8.24 -20.41 -2.69
CA ASN A 74 -9.41 -21.29 -2.55
C ASN A 74 -9.83 -21.25 -1.07
N GLN A 75 -10.55 -22.25 -0.59
CA GLN A 75 -10.94 -22.37 0.84
C GLN A 75 -10.45 -23.70 1.38
N LEU A 76 -9.25 -24.15 1.00
CA LEU A 76 -8.75 -25.44 1.48
C LEU A 76 -8.40 -25.37 2.95
N THR A 77 -8.67 -26.46 3.66
CA THR A 77 -8.22 -26.74 5.03
C THR A 77 -7.39 -28.01 4.99
N ASP A 78 -8.00 -29.15 4.69
CA ASP A 78 -7.31 -30.46 4.68
C ASP A 78 -6.57 -30.68 3.35
N ILE A 79 -5.30 -31.05 3.40
CA ILE A 79 -4.53 -31.35 2.17
C ILE A 79 -4.00 -32.80 2.21
N THR A 80 -4.66 -33.68 2.99
CA THR A 80 -4.35 -35.12 3.09
C THR A 80 -4.21 -35.76 1.70
N PRO A 81 -5.05 -35.40 0.69
CA PRO A 81 -4.92 -36.04 -0.63
C PRO A 81 -3.55 -35.90 -1.31
N LEU A 82 -2.71 -34.95 -0.88
CA LEU A 82 -1.38 -34.75 -1.50
C LEU A 82 -0.38 -35.78 -1.00
N LYS A 83 -0.68 -36.54 0.07
CA LYS A 83 0.34 -37.22 0.91
C LYS A 83 1.23 -38.15 0.09
N ASN A 84 0.69 -38.82 -0.94
CA ASN A 84 1.44 -39.85 -1.71
C ASN A 84 1.74 -39.37 -3.12
N LEU A 85 1.51 -38.09 -3.42
CA LEU A 85 1.83 -37.56 -4.77
C LEU A 85 3.32 -37.22 -4.83
N THR A 86 4.17 -38.23 -4.85
CA THR A 86 5.63 -38.05 -4.65
C THR A 86 6.30 -37.49 -5.92
N LYS A 87 5.61 -37.37 -7.05
CA LYS A 87 6.15 -36.69 -8.26
C LYS A 87 5.94 -35.17 -8.20
N LEU A 88 5.23 -34.65 -7.19
CA LEU A 88 5.07 -33.20 -7.05
C LEU A 88 6.42 -32.51 -6.84
N VAL A 89 6.71 -31.51 -7.64
CA VAL A 89 7.93 -30.69 -7.46
C VAL A 89 7.53 -29.25 -7.13
N ASP A 90 6.34 -28.79 -7.48
CA ASP A 90 5.94 -27.38 -7.22
C ASP A 90 4.52 -27.36 -6.73
N ILE A 91 4.27 -26.64 -5.65
CA ILE A 91 2.91 -26.46 -5.08
C ILE A 91 2.70 -24.97 -4.85
N LEU A 92 1.67 -24.41 -5.46
CA LEU A 92 1.17 -23.05 -5.14
C LEU A 92 -0.15 -23.20 -4.39
N MET A 93 -0.19 -22.86 -3.11
CA MET A 93 -1.39 -23.02 -2.25
CA MET A 93 -1.39 -23.01 -2.26
C MET A 93 -1.52 -21.83 -1.30
N ASN A 94 -1.01 -20.67 -1.69
CA ASN A 94 -1.20 -19.42 -0.91
C ASN A 94 -2.68 -19.05 -0.86
N ASN A 95 -3.08 -18.32 0.18
CA ASN A 95 -4.45 -17.75 0.33
C ASN A 95 -5.47 -18.92 0.41
N ASN A 96 -5.26 -19.81 1.36
CA ASN A 96 -6.27 -20.83 1.76
C ASN A 96 -6.47 -20.72 3.28
N GLN A 97 -6.98 -21.77 3.91
CA GLN A 97 -7.17 -21.79 5.39
CA GLN A 97 -7.19 -21.81 5.39
C GLN A 97 -6.45 -23.02 5.95
N ILE A 98 -5.27 -23.31 5.39
CA ILE A 98 -4.53 -24.52 5.79
C ILE A 98 -3.83 -24.27 7.12
N ALA A 99 -3.94 -25.22 8.03
CA ALA A 99 -3.22 -25.21 9.32
C ALA A 99 -2.28 -26.40 9.42
N ASP A 100 -2.68 -27.56 8.92
CA ASP A 100 -1.96 -28.82 9.15
C ASP A 100 -1.24 -29.23 7.86
N ILE A 101 0.08 -29.10 7.80
CA ILE A 101 0.85 -29.48 6.57
C ILE A 101 1.57 -30.82 6.76
N THR A 102 1.13 -31.66 7.71
CA THR A 102 1.72 -33.01 7.89
CA THR A 102 1.74 -33.01 7.89
C THR A 102 1.64 -33.80 6.58
N PRO A 103 0.58 -33.66 5.74
CA PRO A 103 0.55 -34.41 4.48
C PRO A 103 1.72 -34.10 3.54
N LEU A 104 2.45 -33.00 3.77
CA LEU A 104 3.58 -32.65 2.87
C LEU A 104 4.88 -33.39 3.27
N ALA A 105 4.94 -34.10 4.39
CA ALA A 105 6.20 -34.50 5.07
C ALA A 105 7.07 -35.40 4.17
N ASN A 106 6.47 -36.25 3.32
CA ASN A 106 7.27 -37.20 2.52
C ASN A 106 7.39 -36.73 1.07
N LEU A 107 6.99 -35.50 0.73
CA LEU A 107 7.06 -35.03 -0.67
C LEU A 107 8.47 -34.47 -0.93
N THR A 108 9.47 -35.33 -0.88
CA THR A 108 10.89 -34.90 -0.84
C THR A 108 11.38 -34.47 -2.22
N ASN A 109 10.61 -34.68 -3.28
CA ASN A 109 10.96 -34.14 -4.62
C ASN A 109 10.54 -32.68 -4.73
N LEU A 110 9.90 -32.11 -3.71
CA LEU A 110 9.47 -30.69 -3.81
C LEU A 110 10.68 -29.78 -3.92
N THR A 111 10.63 -28.89 -4.91
CA THR A 111 11.61 -27.80 -5.03
C THR A 111 10.97 -26.44 -4.77
N GLY A 112 9.66 -26.33 -4.94
CA GLY A 112 8.96 -25.05 -4.72
C GLY A 112 7.71 -25.29 -3.91
N LEU A 113 7.55 -24.55 -2.82
CA LEU A 113 6.36 -24.69 -1.96
C LEU A 113 5.93 -23.29 -1.55
N THR A 114 4.76 -22.88 -2.02
CA THR A 114 4.21 -21.55 -1.72
C THR A 114 2.95 -21.69 -0.87
N LEU A 115 3.00 -21.16 0.35
CA LEU A 115 1.93 -21.36 1.35
C LEU A 115 1.66 -20.05 2.09
N PHE A 116 2.00 -18.88 1.52
CA PHE A 116 1.79 -17.63 2.27
C PHE A 116 0.27 -17.43 2.45
N ASN A 117 -0.11 -16.69 3.48
CA ASN A 117 -1.52 -16.36 3.78
C ASN A 117 -2.28 -17.66 4.01
N ASN A 118 -1.92 -18.37 5.06
CA ASN A 118 -2.61 -19.57 5.57
C ASN A 118 -2.67 -19.45 7.09
N GLN A 119 -2.93 -20.54 7.79
CA GLN A 119 -3.08 -20.56 9.27
C GLN A 119 -2.07 -21.57 9.83
N ILE A 120 -0.88 -21.61 9.25
CA ILE A 120 0.14 -22.59 9.67
C ILE A 120 0.89 -22.05 10.88
N THR A 121 0.99 -22.85 11.93
CA THR A 121 1.89 -22.61 13.09
C THR A 121 3.03 -23.62 13.07
N ASP A 122 2.73 -24.92 12.91
CA ASP A 122 3.71 -26.01 13.04
C ASP A 122 4.33 -26.34 11.68
N ILE A 123 5.61 -26.03 11.52
CA ILE A 123 6.32 -26.30 10.24
C ILE A 123 7.25 -27.48 10.38
N ASP A 124 7.12 -28.26 11.47
CA ASP A 124 7.92 -29.49 11.65
C ASP A 124 7.77 -30.42 10.44
N PRO A 125 6.60 -30.56 9.80
CA PRO A 125 6.52 -31.42 8.62
C PRO A 125 7.41 -31.02 7.43
N LEU A 126 8.01 -29.82 7.44
CA LEU A 126 8.85 -29.41 6.29
C LEU A 126 10.30 -29.87 6.45
N LYS A 127 10.65 -30.39 7.62
CA LYS A 127 12.07 -30.46 8.03
C LYS A 127 12.88 -31.37 7.08
N ASN A 128 12.26 -32.35 6.41
CA ASN A 128 13.02 -33.28 5.52
C ASN A 128 12.84 -32.91 4.05
N LEU A 129 12.24 -31.76 3.74
CA LEU A 129 12.06 -31.35 2.32
C LEU A 129 13.33 -30.62 1.85
N THR A 130 14.44 -31.36 1.76
CA THR A 130 15.79 -30.76 1.64
C THR A 130 16.10 -30.37 0.19
N ASN A 131 15.24 -30.69 -0.77
CA ASN A 131 15.43 -30.24 -2.16
C ASN A 131 14.68 -28.90 -2.37
N LEU A 132 14.02 -28.38 -1.34
CA LEU A 132 13.34 -27.05 -1.53
C LEU A 132 14.34 -25.98 -1.91
N ASN A 133 14.05 -25.24 -2.98
CA ASN A 133 14.79 -23.98 -3.26
C ASN A 133 13.91 -22.75 -3.05
N ARG A 134 12.60 -22.89 -3.07
CA ARG A 134 11.66 -21.77 -2.82
C ARG A 134 10.68 -22.22 -1.77
N LEU A 135 10.59 -21.48 -0.68
CA LEU A 135 9.64 -21.79 0.41
C LEU A 135 9.01 -20.49 0.88
N GLU A 136 7.71 -20.33 0.68
CA GLU A 136 7.04 -19.06 1.05
CA GLU A 136 7.01 -19.05 1.03
C GLU A 136 6.01 -19.33 2.14
N LEU A 137 6.26 -18.80 3.33
CA LEU A 137 5.43 -19.01 4.53
C LEU A 137 5.04 -17.68 5.16
N SER A 138 5.20 -16.56 4.47
CA SER A 138 4.76 -15.25 5.04
CA SER A 138 4.73 -15.23 4.98
C SER A 138 3.26 -15.28 5.37
N SER A 139 2.84 -14.45 6.32
CA SER A 139 1.40 -14.33 6.68
C SER A 139 0.82 -15.67 7.11
N ASN A 140 1.57 -16.38 7.94
CA ASN A 140 1.07 -17.53 8.72
C ASN A 140 1.20 -17.14 10.19
N THR A 141 1.20 -18.11 11.09
CA THR A 141 1.32 -17.85 12.55
C THR A 141 2.49 -18.66 13.11
N ILE A 142 3.57 -18.72 12.34
CA ILE A 142 4.80 -19.45 12.74
C ILE A 142 5.52 -18.62 13.80
N SER A 143 5.90 -19.26 14.90
CA SER A 143 6.72 -18.62 15.94
C SER A 143 8.09 -19.28 16.05
N ASP A 144 8.32 -20.42 15.41
CA ASP A 144 9.56 -21.23 15.56
C ASP A 144 10.00 -21.73 14.19
N ILE A 145 11.20 -21.39 13.73
CA ILE A 145 11.71 -21.82 12.40
C ILE A 145 12.81 -22.89 12.56
N SER A 146 12.88 -23.58 13.71
CA SER A 146 13.83 -24.70 13.91
C SER A 146 13.77 -25.67 12.73
N ALA A 147 12.56 -25.96 12.25
CA ALA A 147 12.33 -26.95 11.17
C ALA A 147 13.04 -26.54 9.87
N LEU A 148 13.41 -25.27 9.70
CA LEU A 148 14.06 -24.85 8.44
C LEU A 148 15.57 -25.13 8.45
N SER A 149 16.19 -25.52 9.58
CA SER A 149 17.66 -25.45 9.78
C SER A 149 18.40 -26.35 8.77
N GLY A 150 17.73 -27.40 8.27
CA GLY A 150 18.30 -28.39 7.35
C GLY A 150 17.97 -28.19 5.88
N LEU A 151 17.25 -27.10 5.56
CA LEU A 151 16.81 -26.86 4.17
C LEU A 151 17.93 -26.09 3.45
N THR A 152 19.04 -26.78 3.16
CA THR A 152 20.33 -26.18 2.76
C THR A 152 20.39 -25.96 1.24
N SER A 153 19.30 -26.13 0.52
CA SER A 153 19.22 -25.73 -0.90
C SER A 153 18.30 -24.52 -1.06
N LEU A 154 17.77 -23.95 0.03
CA LEU A 154 16.86 -22.76 -0.12
C LEU A 154 17.60 -21.59 -0.76
N GLN A 155 17.00 -21.01 -1.80
CA GLN A 155 17.47 -19.75 -2.41
C GLN A 155 16.48 -18.61 -2.09
N GLN A 156 15.21 -18.91 -1.90
CA GLN A 156 14.15 -17.89 -1.64
C GLN A 156 13.31 -18.37 -0.48
N LEU A 157 13.14 -17.53 0.54
CA LEU A 157 12.43 -17.92 1.76
C LEU A 157 11.66 -16.71 2.30
N SER A 158 10.44 -16.95 2.74
CA SER A 158 9.67 -15.99 3.56
C SER A 158 8.99 -16.75 4.67
N PHE A 159 8.67 -16.08 5.76
CA PHE A 159 7.88 -16.69 6.84
C PHE A 159 7.31 -15.61 7.74
N GLY A 160 6.28 -15.96 8.48
CA GLY A 160 5.71 -15.09 9.51
C GLY A 160 4.68 -15.84 10.31
N ASN A 161 4.18 -15.22 11.37
CA ASN A 161 4.34 -13.79 11.64
C ASN A 161 4.78 -13.58 13.08
N GLN A 162 5.26 -14.61 13.76
CA GLN A 162 5.57 -14.53 15.22
CA GLN A 162 5.59 -14.47 15.21
C GLN A 162 7.02 -14.94 15.51
N VAL A 163 7.91 -14.98 14.50
CA VAL A 163 9.29 -15.46 14.70
C VAL A 163 10.09 -14.40 15.46
N THR A 164 10.85 -14.84 16.47
CA THR A 164 11.79 -13.99 17.24
C THR A 164 13.24 -14.41 17.02
N ASP A 165 13.49 -15.72 16.88
CA ASP A 165 14.87 -16.30 16.92
C ASP A 165 15.26 -16.76 15.52
N LEU A 166 16.16 -16.03 14.85
CA LEU A 166 16.61 -16.34 13.47
C LEU A 166 17.77 -17.34 13.42
N LYS A 167 18.21 -17.84 14.57
CA LYS A 167 19.39 -18.74 14.59
C LYS A 167 19.24 -19.94 13.63
N PRO A 168 18.05 -20.57 13.46
CA PRO A 168 17.93 -21.64 12.49
C PRO A 168 18.31 -21.32 11.04
N LEU A 169 18.44 -20.04 10.67
CA LEU A 169 18.91 -19.68 9.32
C LEU A 169 20.42 -19.80 9.16
N ALA A 170 21.18 -20.06 10.24
CA ALA A 170 22.64 -19.82 10.21
C ALA A 170 23.31 -20.61 9.10
N ASN A 171 22.91 -21.86 8.83
CA ASN A 171 23.63 -22.68 7.84
C ASN A 171 22.99 -22.57 6.46
N LEU A 172 22.01 -21.70 6.25
CA LEU A 172 21.27 -21.61 4.96
C LEU A 172 21.96 -20.59 4.06
N THR A 173 23.25 -20.80 3.79
CA THR A 173 24.09 -19.83 3.04
C THR A 173 23.77 -19.84 1.54
N THR A 174 22.93 -20.75 1.03
CA THR A 174 22.44 -20.68 -0.37
C THR A 174 21.41 -19.54 -0.52
N LEU A 175 20.89 -18.98 0.58
CA LEU A 175 19.80 -17.99 0.44
C LEU A 175 20.27 -16.78 -0.37
N GLU A 176 19.46 -16.43 -1.37
CA GLU A 176 19.63 -15.23 -2.21
C GLU A 176 18.52 -14.21 -1.89
N ARG A 177 17.34 -14.66 -1.52
CA ARG A 177 16.21 -13.71 -1.34
C ARG A 177 15.53 -14.11 -0.04
N LEU A 178 15.48 -13.22 0.92
CA LEU A 178 14.88 -13.49 2.24
C LEU A 178 13.86 -12.41 2.57
N ASP A 179 12.69 -12.82 2.99
CA ASP A 179 11.62 -11.91 3.44
C ASP A 179 11.16 -12.34 4.83
N ILE A 180 11.56 -11.61 5.84
CA ILE A 180 11.16 -11.82 7.25
C ILE A 180 10.19 -10.72 7.69
N SER A 181 9.50 -10.10 6.74
CA SER A 181 8.53 -9.04 7.08
C SER A 181 7.50 -9.56 8.07
N SER A 182 7.10 -8.69 8.99
CA SER A 182 5.97 -8.92 9.92
C SER A 182 6.28 -10.12 10.81
N ASN A 183 7.38 -10.05 11.54
CA ASN A 183 7.67 -11.00 12.63
C ASN A 183 7.89 -10.18 13.90
N LYS A 184 8.57 -10.76 14.88
CA LYS A 184 8.88 -10.03 16.12
C LYS A 184 10.40 -10.02 16.27
N VAL A 185 11.08 -9.63 15.21
CA VAL A 185 12.56 -9.69 15.16
C VAL A 185 13.14 -8.35 15.60
N SER A 186 14.05 -8.37 16.58
CA SER A 186 15.00 -7.25 16.79
C SER A 186 16.43 -7.63 16.36
N ASP A 187 16.79 -8.87 16.55
CA ASP A 187 18.21 -9.30 16.45
C ASP A 187 18.42 -9.98 15.11
N ILE A 188 19.17 -9.33 14.21
CA ILE A 188 19.47 -9.86 12.87
C ILE A 188 20.94 -10.24 12.79
N SER A 189 21.59 -10.52 13.93
CA SER A 189 23.02 -10.92 13.90
CA SER A 189 23.01 -10.99 13.97
C SER A 189 23.26 -12.11 12.95
N VAL A 190 22.34 -13.08 12.88
CA VAL A 190 22.55 -14.31 12.07
C VAL A 190 22.62 -13.96 10.58
N LEU A 191 22.03 -12.83 10.14
CA LEU A 191 21.97 -12.55 8.71
C LEU A 191 23.37 -12.27 8.17
N ALA A 192 24.36 -11.86 9.02
CA ALA A 192 25.76 -11.69 8.57
C ALA A 192 26.33 -12.96 7.91
N LYS A 193 25.76 -14.13 8.25
CA LYS A 193 26.22 -15.41 7.69
C LYS A 193 25.71 -15.61 6.26
N LEU A 194 24.65 -14.87 5.85
CA LEU A 194 23.97 -15.18 4.57
C LEU A 194 24.57 -14.30 3.47
N THR A 195 25.83 -14.57 3.15
CA THR A 195 26.63 -13.64 2.32
C THR A 195 26.21 -13.67 0.86
N ASN A 196 25.36 -14.61 0.42
CA ASN A 196 24.84 -14.65 -0.97
C ASN A 196 23.54 -13.84 -1.09
N LEU A 197 23.07 -13.20 -0.01
CA LEU A 197 21.78 -12.47 -0.15
C LEU A 197 21.91 -11.35 -1.18
N GLU A 198 20.93 -11.28 -2.05
CA GLU A 198 20.80 -10.19 -3.04
C GLU A 198 19.59 -9.34 -2.64
N SER A 199 18.64 -9.91 -1.92
CA SER A 199 17.40 -9.18 -1.54
C SER A 199 17.08 -9.56 -0.11
N LEU A 200 16.86 -8.55 0.73
CA LEU A 200 16.46 -8.70 2.13
C LEU A 200 15.28 -7.76 2.36
N ILE A 201 14.13 -8.33 2.66
CA ILE A 201 12.90 -7.58 2.99
CA ILE A 201 12.90 -7.57 3.00
C ILE A 201 12.57 -7.91 4.45
N ALA A 202 12.49 -6.91 5.31
CA ALA A 202 12.36 -7.14 6.77
C ALA A 202 11.42 -6.10 7.36
N THR A 203 10.31 -5.80 6.69
CA THR A 203 9.42 -4.71 7.11
C THR A 203 8.69 -5.08 8.40
N ASN A 204 8.24 -4.08 9.13
CA ASN A 204 7.31 -4.29 10.27
C ASN A 204 7.91 -5.28 11.28
N ASN A 205 9.13 -5.00 11.70
CA ASN A 205 9.82 -5.72 12.81
C ASN A 205 10.26 -4.69 13.86
N GLN A 206 11.19 -5.08 14.73
CA GLN A 206 11.66 -4.23 15.86
C GLN A 206 13.18 -4.01 15.75
N ILE A 207 13.72 -3.83 14.55
CA ILE A 207 15.18 -3.80 14.31
C ILE A 207 15.70 -2.39 14.58
N SER A 208 16.77 -2.29 15.35
CA SER A 208 17.48 -0.99 15.54
C SER A 208 18.95 -1.11 15.15
N ASP A 209 19.54 -2.27 15.37
CA ASP A 209 20.98 -2.50 15.13
C ASP A 209 21.13 -3.25 13.80
N ILE A 210 21.53 -2.52 12.77
CA ILE A 210 21.72 -3.08 11.41
C ILE A 210 23.19 -3.40 11.16
N THR A 211 24.07 -3.33 12.18
CA THR A 211 25.50 -3.66 11.96
C THR A 211 25.70 -5.01 11.31
N PRO A 212 24.88 -6.09 11.53
CA PRO A 212 25.11 -7.36 10.83
C PRO A 212 25.04 -7.30 9.32
N LEU A 213 24.35 -6.28 8.76
CA LEU A 213 24.18 -6.16 7.30
C LEU A 213 25.45 -5.69 6.60
N GLY A 214 26.45 -5.18 7.35
CA GLY A 214 27.58 -4.50 6.72
C GLY A 214 28.35 -5.39 5.76
N ILE A 215 28.41 -6.70 6.03
CA ILE A 215 29.18 -7.68 5.22
C ILE A 215 28.36 -8.17 4.00
N LEU A 216 27.07 -7.83 3.93
CA LEU A 216 26.18 -8.38 2.85
C LEU A 216 26.28 -7.52 1.60
N THR A 217 27.48 -7.42 1.00
CA THR A 217 27.76 -6.46 -0.08
C THR A 217 27.08 -6.88 -1.39
N ASN A 218 26.56 -8.10 -1.49
CA ASN A 218 25.83 -8.53 -2.71
C ASN A 218 24.37 -8.05 -2.67
N LEU A 219 23.96 -7.38 -1.59
CA LEU A 219 22.57 -6.85 -1.57
C LEU A 219 22.38 -5.81 -2.67
N ASP A 220 21.39 -5.99 -3.52
CA ASP A 220 20.91 -4.95 -4.47
C ASP A 220 19.57 -4.36 -4.01
N GLU A 221 18.83 -5.07 -3.17
CA GLU A 221 17.48 -4.65 -2.70
C GLU A 221 17.45 -4.82 -1.20
N LEU A 222 17.00 -3.81 -0.47
CA LEU A 222 16.88 -3.87 1.00
C LEU A 222 15.63 -3.09 1.37
N SER A 223 14.78 -3.69 2.20
CA SER A 223 13.66 -2.97 2.83
C SER A 223 13.65 -3.22 4.33
N LEU A 224 13.73 -2.14 5.11
CA LEU A 224 13.63 -2.16 6.58
C LEU A 224 12.49 -1.19 6.94
N ASN A 225 11.54 -1.02 6.04
CA ASN A 225 10.33 -0.20 6.30
C ASN A 225 9.69 -0.62 7.62
N GLY A 226 9.45 0.29 8.55
CA GLY A 226 8.67 -0.07 9.74
C GLY A 226 9.49 -0.80 10.78
N ASN A 227 10.53 -0.16 11.26
CA ASN A 227 11.46 -0.70 12.29
C ASN A 227 11.77 0.41 13.28
N GLN A 228 12.94 0.37 13.89
CA GLN A 228 13.41 1.36 14.87
C GLN A 228 14.79 1.87 14.45
N LEU A 229 15.00 2.09 13.15
CA LEU A 229 16.32 2.53 12.67
C LEU A 229 16.53 4.00 13.03
N LYS A 230 17.76 4.33 13.40
CA LYS A 230 18.19 5.73 13.54
C LYS A 230 19.56 5.87 12.88
N ASP A 231 20.56 5.20 13.43
CA ASP A 231 21.92 5.27 12.86
C ASP A 231 21.99 4.29 11.70
N ILE A 232 22.10 4.78 10.46
CA ILE A 232 22.16 3.91 9.28
C ILE A 232 23.59 3.90 8.70
N GLY A 233 24.59 4.22 9.53
CA GLY A 233 25.99 4.17 9.10
C GLY A 233 26.39 2.91 8.39
N THR A 234 25.87 1.76 8.81
CA THR A 234 26.22 0.46 8.20
C THR A 234 25.95 0.47 6.70
N LEU A 235 24.93 1.19 6.25
CA LEU A 235 24.50 1.07 4.85
C LEU A 235 25.55 1.61 3.88
N ALA A 236 26.52 2.43 4.32
CA ALA A 236 27.58 2.96 3.46
C ALA A 236 28.37 1.82 2.80
N SER A 237 28.43 0.61 3.40
CA SER A 237 29.15 -0.57 2.86
CA SER A 237 29.18 -0.53 2.80
C SER A 237 28.39 -1.22 1.70
N LEU A 238 27.09 -0.94 1.55
CA LEU A 238 26.22 -1.72 0.63
C LEU A 238 26.18 -1.02 -0.74
N THR A 239 27.33 -1.01 -1.42
CA THR A 239 27.56 -0.16 -2.61
C THR A 239 26.82 -0.75 -3.82
N ASN A 240 26.27 -1.97 -3.75
CA ASN A 240 25.50 -2.54 -4.88
C ASN A 240 23.99 -2.28 -4.71
N LEU A 241 23.53 -1.62 -3.63
CA LEU A 241 22.09 -1.35 -3.49
C LEU A 241 21.61 -0.51 -4.67
N THR A 242 20.48 -0.89 -5.29
CA THR A 242 19.75 -0.05 -6.27
C THR A 242 18.40 0.38 -5.70
N ASP A 243 17.87 -0.37 -4.73
CA ASP A 243 16.47 -0.21 -4.30
C ASP A 243 16.48 -0.30 -2.77
N LEU A 244 16.26 0.82 -2.09
CA LEU A 244 16.36 0.91 -0.62
C LEU A 244 15.08 1.52 -0.05
N ASP A 245 14.50 0.84 0.93
CA ASP A 245 13.27 1.32 1.62
C ASP A 245 13.59 1.37 3.10
N LEU A 246 13.67 2.58 3.63
CA LEU A 246 13.88 2.84 5.05
C LEU A 246 12.70 3.61 5.66
N ALA A 247 11.55 3.56 5.00
CA ALA A 247 10.40 4.34 5.49
C ALA A 247 10.00 3.93 6.91
N ASN A 248 9.30 4.81 7.64
CA ASN A 248 8.65 4.46 8.94
C ASN A 248 9.74 4.03 9.94
N ASN A 249 10.70 4.90 10.15
CA ASN A 249 11.82 4.72 11.11
C ASN A 249 12.06 6.05 11.82
N GLN A 250 13.23 6.21 12.44
CA GLN A 250 13.58 7.37 13.26
C GLN A 250 14.84 8.01 12.70
N ILE A 251 14.99 8.01 11.38
CA ILE A 251 16.26 8.43 10.73
C ILE A 251 16.26 9.94 10.53
N SER A 252 17.30 10.60 10.98
CA SER A 252 17.55 12.04 10.69
C SER A 252 18.78 12.23 9.82
N ASN A 253 19.80 11.40 9.96
CA ASN A 253 21.12 11.56 9.36
C ASN A 253 21.22 10.68 8.12
N LEU A 254 21.07 11.30 6.92
CA LEU A 254 21.15 10.61 5.64
C LEU A 254 22.58 10.52 5.13
N ALA A 255 23.59 11.06 5.84
CA ALA A 255 24.96 11.07 5.30
C ALA A 255 25.42 9.71 4.83
N PRO A 256 25.15 8.56 5.52
CA PRO A 256 25.64 7.27 5.05
C PRO A 256 25.14 6.80 3.68
N LEU A 257 24.12 7.46 3.12
CA LEU A 257 23.58 7.09 1.80
C LEU A 257 24.32 7.87 0.71
N SER A 258 25.12 8.87 1.07
CA SER A 258 25.57 9.90 0.09
C SER A 258 26.53 9.35 -0.96
N GLY A 259 27.15 8.20 -0.71
CA GLY A 259 28.03 7.58 -1.70
C GLY A 259 27.38 6.45 -2.45
N LEU A 260 26.09 6.18 -2.23
CA LEU A 260 25.45 4.97 -2.81
C LEU A 260 24.88 5.29 -4.19
N THR A 261 25.75 5.54 -5.17
CA THR A 261 25.31 6.17 -6.44
C THR A 261 24.63 5.15 -7.34
N LYS A 262 24.59 3.88 -7.00
CA LYS A 262 23.79 2.93 -7.81
C LYS A 262 22.32 3.01 -7.42
N LEU A 263 21.97 3.74 -6.38
CA LEU A 263 20.55 3.82 -5.99
C LEU A 263 19.70 4.44 -7.11
N THR A 264 18.62 3.74 -7.46
CA THR A 264 17.59 4.28 -8.38
C THR A 264 16.25 4.45 -7.68
N GLU A 265 16.01 3.73 -6.60
CA GLU A 265 14.75 3.93 -5.81
C GLU A 265 15.13 4.04 -4.36
N LEU A 266 14.68 5.14 -3.75
CA LEU A 266 15.02 5.42 -2.33
C LEU A 266 13.78 5.93 -1.65
N LYS A 267 13.34 5.17 -0.65
CA LYS A 267 12.07 5.45 0.06
C LYS A 267 12.39 5.76 1.50
N LEU A 268 12.08 6.99 1.88
CA LEU A 268 12.51 7.54 3.19
C LEU A 268 11.32 8.16 3.94
N GLY A 269 10.10 7.82 3.53
CA GLY A 269 8.92 8.47 4.14
C GLY A 269 8.85 8.17 5.63
N ALA A 270 8.30 9.11 6.39
CA ALA A 270 7.97 8.92 7.83
C ALA A 270 9.25 8.60 8.61
N ASN A 271 10.13 9.60 8.64
CA ASN A 271 11.39 9.59 9.40
C ASN A 271 11.50 10.92 10.13
N GLN A 272 12.70 11.39 10.37
CA GLN A 272 12.99 12.62 11.13
CA GLN A 272 12.97 12.64 11.11
C GLN A 272 13.91 13.51 10.29
N ILE A 273 13.66 13.56 8.98
CA ILE A 273 14.63 14.21 8.06
C ILE A 273 14.35 15.68 7.87
N SER A 274 15.34 16.51 8.15
CA SER A 274 15.25 17.95 7.82
C SER A 274 16.29 18.36 6.76
N ASN A 275 17.33 17.57 6.54
CA ASN A 275 18.43 17.95 5.60
C ASN A 275 18.59 16.84 4.56
N ILE A 276 18.36 17.17 3.30
CA ILE A 276 18.54 16.20 2.21
C ILE A 276 19.75 16.57 1.36
N SER A 277 20.63 17.45 1.82
CA SER A 277 21.89 17.70 1.08
CA SER A 277 21.91 17.71 1.11
C SER A 277 22.65 16.40 0.82
N PRO A 278 22.60 15.36 1.70
CA PRO A 278 23.35 14.13 1.39
C PRO A 278 22.78 13.35 0.20
N LEU A 279 21.63 13.75 -0.34
CA LEU A 279 21.05 13.00 -1.49
C LEU A 279 21.43 13.68 -2.81
N ALA A 280 22.12 14.81 -2.79
CA ALA A 280 22.32 15.62 -4.02
C ALA A 280 23.17 14.86 -5.06
N GLY A 281 23.99 13.91 -4.66
CA GLY A 281 24.85 13.17 -5.60
C GLY A 281 24.23 11.88 -6.10
N LEU A 282 23.01 11.52 -5.67
CA LEU A 282 22.40 10.23 -6.06
C LEU A 282 21.69 10.44 -7.40
N THR A 283 22.47 10.71 -8.45
CA THR A 283 21.88 11.20 -9.71
C THR A 283 21.21 10.08 -10.52
N ALA A 284 21.35 8.82 -10.16
CA ALA A 284 20.62 7.72 -10.82
C ALA A 284 19.20 7.60 -10.27
N LEU A 285 18.84 8.34 -9.23
CA LEU A 285 17.46 8.18 -8.68
C LEU A 285 16.36 8.47 -9.70
N THR A 286 15.40 7.57 -9.79
CA THR A 286 14.14 7.76 -10.55
C THR A 286 12.99 7.86 -9.57
N ASN A 287 13.08 7.29 -8.39
CA ASN A 287 11.97 7.32 -7.40
C ASN A 287 12.53 7.73 -6.04
N LEU A 288 12.00 8.82 -5.50
CA LEU A 288 12.44 9.34 -4.18
C LEU A 288 11.18 9.65 -3.39
N GLU A 289 11.06 9.02 -2.22
CA GLU A 289 9.90 9.25 -1.32
C GLU A 289 10.42 9.86 -0.04
N LEU A 290 9.90 11.05 0.26
CA LEU A 290 10.37 11.86 1.41
C LEU A 290 9.16 12.39 2.18
N ASN A 291 8.00 11.79 1.98
CA ASN A 291 6.77 12.21 2.72
C ASN A 291 7.03 12.15 4.23
N GLU A 292 6.27 12.88 5.01
CA GLU A 292 6.22 12.72 6.49
C GLU A 292 7.62 12.92 7.07
N ASN A 293 8.17 14.10 6.85
CA ASN A 293 9.51 14.48 7.37
C ASN A 293 9.41 15.94 7.77
N GLN A 294 10.54 16.59 7.90
CA GLN A 294 10.64 17.99 8.37
C GLN A 294 11.26 18.87 7.29
N LEU A 295 10.99 18.55 6.03
CA LEU A 295 11.66 19.24 4.91
C LEU A 295 11.12 20.65 4.77
N GLU A 296 12.02 21.57 4.49
CA GLU A 296 11.69 22.94 4.05
C GLU A 296 12.48 23.19 2.77
N ASP A 297 13.81 23.27 2.90
CA ASP A 297 14.70 23.49 1.73
C ASP A 297 14.87 22.19 0.98
N ILE A 298 14.27 22.10 -0.20
CA ILE A 298 14.41 20.90 -1.08
C ILE A 298 15.33 21.19 -2.26
N SER A 299 16.14 22.26 -2.19
CA SER A 299 17.05 22.59 -3.31
CA SER A 299 17.15 22.61 -3.22
C SER A 299 17.95 21.40 -3.69
N PRO A 300 18.38 20.47 -2.82
CA PRO A 300 19.21 19.37 -3.29
C PRO A 300 18.55 18.51 -4.38
N ILE A 301 17.23 18.46 -4.46
CA ILE A 301 16.58 17.60 -5.46
C ILE A 301 16.84 18.14 -6.87
N SER A 302 17.25 19.40 -7.03
CA SER A 302 17.37 20.00 -8.38
C SER A 302 18.46 19.28 -9.17
N ASN A 303 19.37 18.58 -8.50
CA ASN A 303 20.47 17.84 -9.18
C ASN A 303 19.98 16.45 -9.66
N LEU A 304 18.83 15.98 -9.17
CA LEU A 304 18.37 14.58 -9.42
C LEU A 304 17.55 14.53 -10.71
N LYS A 305 18.22 14.70 -11.86
CA LYS A 305 17.52 15.02 -13.13
C LYS A 305 16.87 13.77 -13.71
N ASN A 306 17.07 12.58 -13.13
CA ASN A 306 16.39 11.38 -13.63
C ASN A 306 15.11 11.10 -12.84
N LEU A 307 14.76 11.94 -11.89
CA LEU A 307 13.54 11.64 -11.11
C LEU A 307 12.29 11.55 -11.98
N THR A 308 11.51 10.49 -11.80
CA THR A 308 10.18 10.34 -12.45
C THR A 308 9.06 10.31 -11.41
N TYR A 309 9.35 9.84 -10.21
CA TYR A 309 8.37 9.85 -9.09
C TYR A 309 8.98 10.56 -7.90
N LEU A 310 8.23 11.53 -7.33
CA LEU A 310 8.72 12.31 -6.19
C LEU A 310 7.57 12.52 -5.22
N THR A 311 7.73 12.03 -4.00
CA THR A 311 6.71 12.20 -2.95
C THR A 311 7.27 13.01 -1.80
N LEU A 312 6.45 13.96 -1.34
CA LEU A 312 6.85 15.01 -0.38
C LEU A 312 5.68 15.38 0.53
N TYR A 313 4.60 14.62 0.54
CA TYR A 313 3.41 15.02 1.33
C TYR A 313 3.75 15.03 2.82
N PHE A 314 3.11 15.93 3.57
CA PHE A 314 3.36 16.12 5.01
C PHE A 314 4.83 16.48 5.27
N ASN A 315 5.19 17.69 4.80
CA ASN A 315 6.46 18.36 5.17
C ASN A 315 6.14 19.82 5.49
N ASN A 316 7.14 20.68 5.45
CA ASN A 316 6.99 22.12 5.73
C ASN A 316 7.55 22.90 4.55
N ILE A 317 7.29 22.44 3.32
CA ILE A 317 7.88 23.04 2.10
C ILE A 317 7.03 24.22 1.66
N SER A 318 7.64 25.39 1.48
CA SER A 318 7.00 26.58 0.90
C SER A 318 7.51 26.88 -0.50
N ASP A 319 8.68 26.41 -0.87
CA ASP A 319 9.24 26.63 -2.22
C ASP A 319 9.36 25.27 -2.90
N ILE A 320 8.44 25.01 -3.84
CA ILE A 320 8.47 23.76 -4.64
C ILE A 320 9.43 23.92 -5.85
N SER A 321 9.96 25.11 -6.11
CA SER A 321 10.63 25.41 -7.40
C SER A 321 11.85 24.55 -7.70
N PRO A 322 12.58 23.94 -6.74
CA PRO A 322 13.63 23.00 -7.15
C PRO A 322 13.16 21.87 -8.08
N VAL A 323 11.87 21.58 -8.13
CA VAL A 323 11.37 20.50 -9.03
C VAL A 323 11.40 20.99 -10.48
N SER A 324 11.60 22.28 -10.76
CA SER A 324 11.49 22.77 -12.17
C SER A 324 12.53 22.11 -13.08
N SER A 325 13.63 21.61 -12.54
CA SER A 325 14.70 20.97 -13.38
CA SER A 325 14.72 20.96 -13.32
C SER A 325 14.35 19.51 -13.65
N LEU A 326 13.32 18.97 -13.01
CA LEU A 326 13.01 17.53 -13.09
C LEU A 326 12.11 17.27 -14.29
N THR A 327 12.68 17.37 -15.50
CA THR A 327 11.93 17.33 -16.78
C THR A 327 11.22 15.98 -16.94
N LYS A 328 11.72 14.89 -16.36
CA LYS A 328 11.13 13.54 -16.53
C LYS A 328 9.98 13.29 -15.53
N LEU A 329 9.71 14.22 -14.64
CA LEU A 329 8.76 13.94 -13.55
C LEU A 329 7.38 13.53 -14.10
N GLN A 330 6.88 12.40 -13.59
CA GLN A 330 5.52 11.87 -13.90
C GLN A 330 4.56 12.04 -12.72
N ARG A 331 5.06 11.79 -11.52
CA ARG A 331 4.22 11.76 -10.31
C ARG A 331 4.84 12.77 -9.35
N LEU A 332 4.01 13.68 -8.83
CA LEU A 332 4.48 14.71 -7.88
C LEU A 332 3.41 14.82 -6.79
N PHE A 333 3.75 14.33 -5.60
CA PHE A 333 2.84 14.29 -4.44
C PHE A 333 3.34 15.25 -3.38
N PHE A 334 2.57 16.26 -2.98
CA PHE A 334 3.02 17.17 -1.89
C PHE A 334 1.82 17.69 -1.11
N TYR A 335 0.80 16.86 -0.93
CA TYR A 335 -0.36 17.20 -0.05
C TYR A 335 0.15 17.61 1.34
N ASN A 336 -0.41 18.65 1.93
CA ASN A 336 -0.04 19.11 3.29
C ASN A 336 1.41 19.65 3.28
N ASN A 337 1.58 20.78 2.63
CA ASN A 337 2.79 21.60 2.65
C ASN A 337 2.30 23.06 2.64
N LYS A 338 3.24 23.99 2.41
CA LYS A 338 2.93 25.43 2.46
CA LYS A 338 2.93 25.44 2.46
C LYS A 338 3.20 26.08 1.10
N VAL A 339 3.07 25.33 0.02
CA VAL A 339 3.35 25.90 -1.32
C VAL A 339 2.24 26.86 -1.73
N SER A 340 2.60 28.06 -2.15
CA SER A 340 1.60 29.00 -2.73
C SER A 340 1.79 29.05 -4.25
N ASP A 341 2.99 29.21 -4.70
CA ASP A 341 3.25 29.50 -6.13
C ASP A 341 3.62 28.20 -6.84
N VAL A 342 2.82 27.84 -7.83
CA VAL A 342 3.08 26.61 -8.64
C VAL A 342 3.55 26.99 -10.05
N SER A 343 4.08 28.22 -10.24
CA SER A 343 4.59 28.63 -11.58
CA SER A 343 4.62 28.66 -11.56
C SER A 343 5.70 27.68 -12.03
N SER A 344 6.50 27.15 -11.10
CA SER A 344 7.65 26.27 -11.45
C SER A 344 7.19 24.91 -11.99
N LEU A 345 5.91 24.58 -11.90
CA LEU A 345 5.42 23.28 -12.40
C LEU A 345 5.03 23.40 -13.87
N ALA A 346 4.98 24.61 -14.44
CA ALA A 346 4.30 24.87 -15.73
C ALA A 346 4.89 24.07 -16.88
N ASN A 347 6.17 23.80 -16.86
CA ASN A 347 6.83 23.12 -18.00
C ASN A 347 7.11 21.65 -17.69
N LEU A 348 6.64 21.13 -16.55
CA LEU A 348 6.78 19.69 -16.16
C LEU A 348 5.68 18.87 -16.85
N THR A 349 5.70 18.89 -18.17
CA THR A 349 4.56 18.40 -18.97
C THR A 349 4.59 16.88 -19.12
N ASN A 350 5.52 16.17 -18.46
CA ASN A 350 5.39 14.70 -18.35
C ASN A 350 4.57 14.32 -17.11
N ILE A 351 4.16 15.28 -16.29
CA ILE A 351 3.34 14.94 -15.10
C ILE A 351 2.01 14.32 -15.53
N ASN A 352 1.73 13.14 -14.99
CA ASN A 352 0.42 12.48 -15.17
C ASN A 352 -0.34 12.34 -13.84
N TRP A 353 0.28 12.69 -12.71
CA TRP A 353 -0.31 12.53 -11.38
C TRP A 353 0.20 13.66 -10.48
N LEU A 354 -0.69 14.59 -10.14
CA LEU A 354 -0.33 15.77 -9.34
C LEU A 354 -1.28 15.81 -8.15
N SER A 355 -0.69 15.75 -6.95
CA SER A 355 -1.48 15.75 -5.70
C SER A 355 -0.97 16.89 -4.83
N ALA A 356 -1.75 17.97 -4.76
CA ALA A 356 -1.26 19.24 -4.19
C ALA A 356 -2.33 19.81 -3.26
N GLY A 357 -3.20 18.99 -2.72
CA GLY A 357 -4.17 19.48 -1.71
C GLY A 357 -3.52 20.01 -0.45
N HIS A 358 -4.26 20.79 0.33
CA HIS A 358 -3.80 21.31 1.63
C HIS A 358 -2.41 21.92 1.50
N ASN A 359 -2.27 22.80 0.50
CA ASN A 359 -1.15 23.74 0.39
C ASN A 359 -1.73 25.14 0.55
N GLN A 360 -1.10 26.13 -0.07
CA GLN A 360 -1.55 27.55 -0.01
C GLN A 360 -1.78 28.03 -1.42
N ILE A 361 -2.30 27.15 -2.28
CA ILE A 361 -2.38 27.45 -3.74
C ILE A 361 -3.66 28.26 -4.00
N SER A 362 -3.46 29.42 -4.64
CA SER A 362 -4.59 30.33 -4.94
C SER A 362 -4.75 30.53 -6.43
N ASP A 363 -3.81 30.08 -7.27
CA ASP A 363 -3.85 30.41 -8.72
C ASP A 363 -3.43 29.17 -9.50
N LEU A 364 -4.36 28.58 -10.28
CA LEU A 364 -4.07 27.33 -11.03
C LEU A 364 -3.55 27.61 -12.42
N THR A 365 -3.46 28.88 -12.85
CA THR A 365 -3.10 29.17 -14.26
C THR A 365 -1.82 28.45 -14.68
N PRO A 366 -0.76 28.30 -13.85
CA PRO A 366 0.45 27.61 -14.31
C PRO A 366 0.28 26.13 -14.69
N LEU A 367 -0.84 25.54 -14.30
CA LEU A 367 -1.08 24.09 -14.52
C LEU A 367 -1.75 23.81 -15.86
N ALA A 368 -2.08 24.82 -16.65
CA ALA A 368 -3.00 24.67 -17.78
C ALA A 368 -2.49 23.66 -18.82
N ASN A 369 -1.18 23.56 -19.03
CA ASN A 369 -0.61 22.69 -20.10
C ASN A 369 -0.12 21.33 -19.59
N LEU A 370 -0.48 20.96 -18.36
CA LEU A 370 -0.18 19.60 -17.86
C LEU A 370 -1.23 18.63 -18.39
N THR A 371 -1.27 18.46 -19.70
CA THR A 371 -2.30 17.69 -20.45
C THR A 371 -2.21 16.19 -20.20
N ARG A 372 -1.09 15.68 -19.68
CA ARG A 372 -1.00 14.23 -19.41
C ARG A 372 -1.64 13.85 -18.05
N ILE A 373 -2.07 14.82 -17.25
CA ILE A 373 -2.63 14.47 -15.93
C ILE A 373 -3.82 13.53 -16.09
N THR A 374 -3.83 12.45 -15.33
CA THR A 374 -5.00 11.55 -15.20
C THR A 374 -5.49 11.48 -13.74
N GLN A 375 -4.61 11.76 -12.76
CA GLN A 375 -4.99 11.80 -11.33
C GLN A 375 -4.60 13.17 -10.77
N LEU A 376 -5.50 13.82 -10.09
CA LEU A 376 -5.31 15.23 -9.66
C LEU A 376 -5.94 15.42 -8.29
N GLY A 377 -5.28 16.16 -7.41
CA GLY A 377 -5.80 16.57 -6.10
C GLY A 377 -5.43 18.01 -5.84
N LEU A 378 -6.44 18.84 -5.58
CA LEU A 378 -6.21 20.29 -5.34
C LEU A 378 -7.10 20.82 -4.19
N ASN A 379 -7.70 19.93 -3.40
CA ASN A 379 -8.69 20.43 -2.41
C ASN A 379 -8.04 20.91 -1.11
N ASP A 380 -8.81 21.66 -0.33
CA ASP A 380 -8.53 21.96 1.08
C ASP A 380 -7.24 22.77 1.25
N GLN A 381 -6.97 23.70 0.33
CA GLN A 381 -5.91 24.72 0.51
C GLN A 381 -6.25 25.54 1.75
N ALA A 382 -5.27 26.19 2.33
CA ALA A 382 -5.52 27.09 3.49
C ALA A 382 -4.41 28.11 3.54
N TRP A 383 -4.77 29.39 3.69
CA TRP A 383 -3.77 30.40 3.95
C TRP A 383 -4.37 31.52 4.76
N THR A 384 -3.47 32.27 5.34
CA THR A 384 -3.84 33.35 6.28
C THR A 384 -3.32 34.66 5.72
N ASN A 385 -4.20 35.63 5.54
CA ASN A 385 -3.77 36.96 5.06
C ASN A 385 -2.99 37.70 6.15
N ALA A 386 -2.25 38.72 5.77
CA ALA A 386 -1.67 39.70 6.73
C ALA A 386 -2.84 40.30 7.50
N PRO A 387 -2.69 40.60 8.80
CA PRO A 387 -3.81 41.14 9.57
C PRO A 387 -4.27 42.50 9.04
N VAL A 388 -5.54 42.81 9.25
CA VAL A 388 -6.07 44.19 9.07
C VAL A 388 -6.74 44.62 10.36
N ASN A 389 -6.99 45.92 10.50
CA ASN A 389 -7.60 46.48 11.73
C ASN A 389 -9.03 45.97 11.84
N TYR A 390 -9.44 45.52 13.00
CA TYR A 390 -10.87 45.32 13.31
C TYR A 390 -11.63 46.67 13.27
N LYS A 391 -12.76 46.64 12.61
CA LYS A 391 -13.85 47.63 12.78
C LYS A 391 -15.11 46.94 12.27
N ALA A 392 -16.28 47.51 12.50
CA ALA A 392 -17.54 46.82 12.18
C ALA A 392 -17.56 46.42 10.70
N ASN A 393 -17.12 47.31 9.82
CA ASN A 393 -17.12 47.03 8.37
C ASN A 393 -15.70 46.66 7.94
N VAL A 394 -15.52 45.41 7.48
CA VAL A 394 -14.22 44.92 6.95
C VAL A 394 -14.42 44.48 5.53
N SER A 395 -13.52 44.89 4.66
CA SER A 395 -13.56 44.48 3.23
CA SER A 395 -13.55 44.49 3.23
C SER A 395 -12.17 44.02 2.82
N ILE A 396 -12.09 42.85 2.19
CA ILE A 396 -10.79 42.36 1.65
C ILE A 396 -11.01 41.86 0.22
N PRO A 397 -9.95 41.89 -0.61
CA PRO A 397 -10.05 41.32 -1.94
C PRO A 397 -9.82 39.80 -2.01
N ASN A 398 -10.51 39.19 -2.96
CA ASN A 398 -10.41 37.79 -3.38
C ASN A 398 -9.42 37.76 -4.55
N THR A 399 -8.45 36.85 -4.53
CA THR A 399 -7.50 36.69 -5.68
C THR A 399 -7.48 35.24 -6.15
N VAL A 400 -8.42 34.40 -5.72
CA VAL A 400 -8.42 32.96 -6.13
C VAL A 400 -8.77 32.83 -7.61
N LYS A 401 -7.94 32.12 -8.37
CA LYS A 401 -8.13 31.95 -9.81
C LYS A 401 -8.10 30.47 -10.21
N ASN A 402 -8.99 30.06 -11.10
CA ASN A 402 -9.02 28.70 -11.62
C ASN A 402 -8.01 28.60 -12.78
N VAL A 403 -8.00 27.48 -13.48
CA VAL A 403 -6.95 27.19 -14.51
C VAL A 403 -7.03 28.23 -15.65
N THR A 404 -8.23 28.74 -15.91
CA THR A 404 -8.47 29.72 -17.00
C THR A 404 -8.02 31.12 -16.59
N GLY A 405 -7.79 31.38 -15.30
CA GLY A 405 -7.45 32.71 -14.77
C GLY A 405 -8.66 33.47 -14.25
N ALA A 406 -9.85 32.91 -14.40
CA ALA A 406 -11.10 33.51 -13.91
C ALA A 406 -11.05 33.52 -12.38
N LEU A 407 -11.59 34.56 -11.76
CA LEU A 407 -11.75 34.57 -10.31
C LEU A 407 -12.81 33.54 -9.94
N ILE A 408 -12.59 32.88 -8.80
CA ILE A 408 -13.54 31.94 -8.19
C ILE A 408 -14.25 32.66 -7.06
N ALA A 409 -15.55 32.85 -7.18
CA ALA A 409 -16.33 33.48 -6.10
C ALA A 409 -16.29 32.59 -4.88
N PRO A 410 -16.33 33.17 -3.67
CA PRO A 410 -16.46 32.35 -2.45
C PRO A 410 -17.67 31.43 -2.48
N ALA A 411 -17.54 30.25 -1.87
CA ALA A 411 -18.62 29.28 -1.63
C ALA A 411 -19.39 29.65 -0.36
N THR A 412 -18.66 29.94 0.69
CA THR A 412 -19.23 30.31 2.01
C THR A 412 -18.41 31.46 2.53
N ILE A 413 -19.05 32.30 3.34
CA ILE A 413 -18.34 33.43 4.00
C ILE A 413 -18.76 33.42 5.47
N SER A 414 -17.81 33.55 6.38
CA SER A 414 -18.06 33.51 7.84
C SER A 414 -18.91 34.72 8.24
N ASP A 415 -19.61 34.65 9.38
CA ASP A 415 -20.07 35.88 10.08
C ASP A 415 -21.02 36.68 9.18
N GLY A 416 -21.80 35.99 8.34
CA GLY A 416 -22.84 36.56 7.48
C GLY A 416 -22.27 37.48 6.40
N GLY A 417 -20.97 37.36 6.08
CA GLY A 417 -20.34 38.22 5.06
C GLY A 417 -20.90 38.00 3.67
N SER A 418 -20.58 38.93 2.77
CA SER A 418 -21.10 38.89 1.38
CA SER A 418 -21.13 38.98 1.39
C SER A 418 -19.99 39.16 0.38
N TYR A 419 -20.27 38.88 -0.87
CA TYR A 419 -19.30 39.05 -1.97
C TYR A 419 -19.89 39.93 -3.07
N THR A 420 -19.12 40.96 -3.44
CA THR A 420 -19.33 41.71 -4.69
C THR A 420 -17.97 41.72 -5.40
N GLU A 421 -17.85 40.91 -6.44
CA GLU A 421 -16.53 40.67 -7.07
C GLU A 421 -15.72 41.97 -7.17
N PRO A 422 -14.45 42.09 -6.70
CA PRO A 422 -13.70 40.99 -6.11
C PRO A 422 -13.65 41.04 -4.58
N ASP A 423 -14.54 41.81 -3.95
CA ASP A 423 -14.38 42.11 -2.50
C ASP A 423 -15.35 41.28 -1.64
N ILE A 424 -14.81 40.73 -0.55
CA ILE A 424 -15.64 40.12 0.52
C ILE A 424 -15.81 41.19 1.58
N THR A 425 -17.03 41.37 2.06
CA THR A 425 -17.34 42.40 3.07
CA THR A 425 -17.35 42.39 3.07
C THR A 425 -18.09 41.73 4.24
N TRP A 426 -17.73 42.15 5.44
CA TRP A 426 -18.35 41.69 6.68
C TRP A 426 -18.88 42.92 7.40
N ASN A 427 -20.00 42.75 8.08
CA ASN A 427 -20.52 43.68 9.08
C ASN A 427 -20.48 42.94 10.40
N LEU A 428 -19.48 43.23 11.22
CA LEU A 428 -19.19 42.50 12.48
C LEU A 428 -19.76 43.30 13.65
N PRO A 429 -20.51 42.65 14.52
CA PRO A 429 -21.15 43.35 15.65
C PRO A 429 -20.14 43.74 16.74
N SER A 430 -19.02 43.02 16.80
CA SER A 430 -18.02 43.19 17.87
C SER A 430 -16.74 42.48 17.44
N TYR A 431 -15.66 42.81 18.12
CA TYR A 431 -14.33 42.23 17.82
C TYR A 431 -14.40 40.72 17.79
N THR A 432 -13.69 40.16 16.81
CA THR A 432 -13.38 38.73 16.69
C THR A 432 -11.97 38.62 16.10
N ASN A 433 -11.20 37.63 16.53
CA ASN A 433 -9.75 37.67 16.18
C ASN A 433 -9.57 37.29 14.70
N GLU A 434 -10.56 36.68 14.09
CA GLU A 434 -10.43 36.29 12.65
C GLU A 434 -11.81 36.11 12.03
N VAL A 435 -11.89 36.42 10.73
CA VAL A 435 -13.02 36.03 9.89
C VAL A 435 -12.43 35.21 8.74
N SER A 436 -13.28 34.57 7.98
CA SER A 436 -12.78 33.60 6.96
C SER A 436 -13.79 33.46 5.83
N TYR A 437 -13.36 32.85 4.73
CA TYR A 437 -14.27 32.40 3.68
C TYR A 437 -13.68 31.15 3.03
N THR A 438 -14.53 30.43 2.32
CA THR A 438 -14.10 29.24 1.55
C THR A 438 -14.41 29.45 0.08
N PHE A 439 -13.73 28.68 -0.75
CA PHE A 439 -14.08 28.51 -2.17
C PHE A 439 -14.05 27.04 -2.48
N SER A 440 -14.78 26.65 -3.51
CA SER A 440 -14.85 25.24 -3.95
C SER A 440 -15.37 25.16 -5.38
N GLN A 441 -14.54 24.67 -6.29
CA GLN A 441 -14.92 24.58 -7.70
C GLN A 441 -14.34 23.32 -8.33
N PRO A 442 -15.14 22.57 -9.11
CA PRO A 442 -14.58 21.45 -9.86
C PRO A 442 -13.55 21.98 -10.86
N VAL A 443 -12.46 21.22 -11.00
CA VAL A 443 -11.38 21.48 -11.95
C VAL A 443 -11.04 20.15 -12.64
N THR A 444 -10.92 20.21 -13.95
CA THR A 444 -10.34 19.13 -14.76
C THR A 444 -9.09 19.67 -15.46
N ILE A 445 -7.98 18.94 -15.30
CA ILE A 445 -6.72 19.22 -16.05
C ILE A 445 -6.35 17.92 -16.75
N GLY A 446 -6.22 17.92 -18.08
CA GLY A 446 -6.11 16.64 -18.81
C GLY A 446 -7.34 15.77 -18.62
N LYS A 447 -7.16 14.58 -18.06
CA LYS A 447 -8.27 13.66 -17.73
C LYS A 447 -8.46 13.60 -16.22
N GLY A 448 -7.72 14.41 -15.44
CA GLY A 448 -7.82 14.35 -13.97
C GLY A 448 -8.86 15.33 -13.45
N THR A 449 -9.73 14.88 -12.55
CA THR A 449 -10.78 15.76 -11.95
CA THR A 449 -10.81 15.71 -11.95
C THR A 449 -10.57 15.85 -10.46
N THR A 450 -10.81 17.04 -9.92
CA THR A 450 -10.69 17.23 -8.48
C THR A 450 -11.66 18.35 -8.12
N THR A 451 -11.74 18.59 -6.85
CA THR A 451 -12.23 19.85 -6.28
C THR A 451 -11.03 20.77 -6.00
N PHE A 452 -11.03 21.98 -6.54
CA PHE A 452 -10.12 23.03 -6.08
C PHE A 452 -10.84 23.81 -4.99
N SER A 453 -10.36 23.78 -3.75
CA SER A 453 -11.12 24.38 -2.64
C SER A 453 -10.14 24.91 -1.62
N GLY A 454 -10.61 25.78 -0.75
CA GLY A 454 -9.74 26.29 0.29
C GLY A 454 -10.47 27.14 1.28
N THR A 455 -9.77 27.42 2.35
CA THR A 455 -10.23 28.29 3.44
C THR A 455 -9.22 29.42 3.58
N VAL A 456 -9.68 30.65 3.48
CA VAL A 456 -8.85 31.87 3.60
C VAL A 456 -9.16 32.53 4.93
N THR A 457 -8.16 32.68 5.77
CA THR A 457 -8.33 33.30 7.10
C THR A 457 -7.84 34.73 7.06
N GLN A 458 -8.67 35.65 7.59
CA GLN A 458 -8.28 37.06 7.71
C GLN A 458 -8.20 37.40 9.19
N PRO A 459 -7.00 37.51 9.76
CA PRO A 459 -6.85 37.94 11.14
C PRO A 459 -7.22 39.42 11.29
N LEU A 460 -7.82 39.78 12.43
CA LEU A 460 -8.22 41.17 12.73
C LEU A 460 -7.50 41.65 13.97
N LYS A 461 -6.87 42.82 13.87
CA LYS A 461 -6.13 43.45 14.99
C LYS A 461 -7.08 44.23 15.89
N ALA A 462 -7.02 43.97 17.19
CA ALA A 462 -7.85 44.66 18.20
C ALA A 462 -7.47 46.13 18.25
N LEU B 2 -2.18 -8.79 -1.02
CA LEU B 2 -3.04 -8.17 0.05
C LEU B 2 -4.53 -8.44 -0.27
N GLN B 3 -5.21 -9.18 0.60
CA GLN B 3 -6.68 -9.46 0.49
CA GLN B 3 -6.67 -9.45 0.47
C GLN B 3 -7.41 -8.52 1.45
N LEU B 4 -8.47 -7.88 1.00
CA LEU B 4 -9.28 -6.95 1.82
C LEU B 4 -10.76 -7.33 1.77
N VAL B 5 -11.41 -7.31 2.92
CA VAL B 5 -12.87 -7.59 3.06
C VAL B 5 -13.52 -6.50 3.91
N GLU B 6 -14.40 -5.72 3.30
CA GLU B 6 -15.22 -4.72 4.02
C GLU B 6 -16.44 -5.36 4.67
N SER B 7 -16.76 -4.91 5.87
CA SER B 7 -18.01 -5.26 6.59
CA SER B 7 -17.96 -5.29 6.65
C SER B 7 -18.52 -4.04 7.36
N GLY B 8 -19.74 -4.17 7.88
CA GLY B 8 -20.33 -3.24 8.84
C GLY B 8 -21.26 -2.26 8.18
N GLY B 9 -21.52 -2.41 6.89
CA GLY B 9 -22.52 -1.58 6.19
C GLY B 9 -23.89 -1.77 6.80
N GLY B 10 -24.78 -0.81 6.59
CA GLY B 10 -26.12 -0.90 7.19
C GLY B 10 -26.96 0.27 6.82
N LEU B 11 -28.12 0.33 7.44
CA LEU B 11 -29.12 1.39 7.28
C LEU B 11 -29.13 2.22 8.55
N VAL B 12 -29.01 3.54 8.44
CA VAL B 12 -29.05 4.46 9.61
C VAL B 12 -29.89 5.67 9.21
N GLN B 13 -30.57 6.31 10.15
CA GLN B 13 -31.24 7.58 9.79
CA GLN B 13 -31.26 7.60 9.92
C GLN B 13 -30.23 8.73 9.85
N ALA B 14 -30.51 9.75 9.07
CA ALA B 14 -29.72 11.00 9.07
C ALA B 14 -29.49 11.46 10.51
N GLY B 15 -28.25 11.87 10.79
CA GLY B 15 -27.79 12.33 12.12
C GLY B 15 -27.07 11.21 12.84
N GLY B 16 -27.30 9.97 12.40
CA GLY B 16 -26.75 8.81 13.11
C GLY B 16 -25.28 8.56 12.84
N SER B 17 -24.74 7.56 13.53
CA SER B 17 -23.35 7.08 13.38
C SER B 17 -23.33 5.63 12.87
N LEU B 18 -22.32 5.28 12.08
CA LEU B 18 -22.04 3.90 11.61
C LEU B 18 -20.54 3.77 11.39
N THR B 19 -20.00 2.62 11.74
CA THR B 19 -18.57 2.30 11.50
C THR B 19 -18.51 1.18 10.49
N VAL B 20 -17.70 1.34 9.44
CA VAL B 20 -17.35 0.25 8.52
C VAL B 20 -15.92 -0.18 8.83
N SER B 21 -15.65 -1.46 8.62
CA SER B 21 -14.33 -2.06 8.87
C SER B 21 -13.85 -2.78 7.62
N CYS B 22 -12.55 -2.94 7.55
CA CYS B 22 -11.81 -3.50 6.41
C CYS B 22 -10.76 -4.43 7.01
N ALA B 23 -10.95 -5.74 6.85
CA ALA B 23 -10.01 -6.75 7.37
C ALA B 23 -9.03 -7.13 6.28
N ALA B 24 -7.73 -7.02 6.55
CA ALA B 24 -6.68 -7.30 5.56
C ALA B 24 -6.02 -8.63 5.92
N SER B 25 -5.63 -9.37 4.90
CA SER B 25 -4.76 -10.58 4.98
C SER B 25 -3.50 -10.29 4.21
N GLY B 26 -2.36 -10.30 4.90
CA GLY B 26 -1.04 -10.08 4.26
C GLY B 26 -0.19 -9.11 5.04
N SER B 27 1.11 -9.16 4.79
CA SER B 27 2.13 -8.35 5.49
C SER B 27 2.12 -6.89 4.97
N ALA B 28 1.53 -6.60 3.80
CA ALA B 28 1.61 -5.28 3.15
C ALA B 28 0.78 -4.24 3.92
N PHE B 29 -0.29 -4.64 4.62
CA PHE B 29 -1.21 -3.67 5.30
C PHE B 29 -0.41 -2.75 6.22
N SER B 30 0.47 -3.33 7.04
CA SER B 30 1.15 -2.64 8.17
C SER B 30 2.05 -1.48 7.68
N VAL B 31 2.48 -1.51 6.43
CA VAL B 31 3.43 -0.53 5.82
C VAL B 31 2.82 0.00 4.52
N ASN B 32 1.50 -0.02 4.37
CA ASN B 32 0.85 0.64 3.21
C ASN B 32 0.00 1.84 3.69
N VAL B 33 -0.05 2.90 2.89
CA VAL B 33 -1.14 3.91 2.98
C VAL B 33 -2.40 3.14 2.69
N MET B 34 -3.43 3.34 3.51
CA MET B 34 -4.72 2.66 3.31
C MET B 34 -5.80 3.72 3.19
N GLY B 35 -6.78 3.49 2.35
CA GLY B 35 -7.84 4.48 2.14
C GLY B 35 -9.22 3.86 2.02
N TRP B 36 -10.21 4.67 2.28
CA TRP B 36 -11.63 4.35 1.97
C TRP B 36 -12.09 5.18 0.78
N SER B 37 -12.75 4.56 -0.17
CA SER B 37 -13.43 5.27 -1.26
C SER B 37 -14.92 4.90 -1.17
N ARG B 38 -15.76 5.61 -1.91
CA ARG B 38 -17.18 5.26 -2.01
C ARG B 38 -17.66 5.51 -3.42
N GLN B 39 -18.66 4.75 -3.82
CA GLN B 39 -19.36 4.93 -5.11
C GLN B 39 -20.87 4.75 -4.91
N ALA B 40 -21.65 5.75 -5.30
CA ALA B 40 -23.14 5.66 -5.45
C ALA B 40 -23.45 5.31 -6.91
N PRO B 41 -24.59 4.62 -7.23
CA PRO B 41 -24.86 4.20 -8.61
C PRO B 41 -24.90 5.40 -9.58
N GLY B 42 -24.29 5.25 -10.76
CA GLY B 42 -24.18 6.30 -11.79
C GLY B 42 -23.32 7.48 -11.36
N LYS B 43 -22.58 7.36 -10.25
CA LYS B 43 -21.71 8.48 -9.77
C LYS B 43 -20.25 8.00 -9.79
N GLU B 44 -19.31 8.93 -9.81
CA GLU B 44 -17.86 8.62 -9.88
C GLU B 44 -17.40 8.20 -8.49
N ARG B 45 -16.44 7.30 -8.42
CA ARG B 45 -15.76 6.93 -7.16
C ARG B 45 -15.15 8.18 -6.54
N GLU B 46 -15.31 8.31 -5.23
CA GLU B 46 -14.74 9.42 -4.43
C GLU B 46 -13.84 8.80 -3.37
N LEU B 47 -12.59 9.28 -3.29
CA LEU B 47 -11.73 8.99 -2.11
C LEU B 47 -12.28 9.75 -0.90
N VAL B 48 -12.68 9.03 0.14
CA VAL B 48 -13.28 9.61 1.39
C VAL B 48 -12.15 9.98 2.39
N ALA B 49 -11.20 9.09 2.56
CA ALA B 49 -10.21 9.24 3.63
C ALA B 49 -9.02 8.36 3.33
N GLY B 50 -7.87 8.80 3.81
CA GLY B 50 -6.61 8.01 3.73
C GLY B 50 -5.83 8.12 5.01
N ILE B 51 -5.01 7.12 5.30
CA ILE B 51 -4.20 7.12 6.54
C ILE B 51 -2.88 6.43 6.28
N THR B 52 -1.82 7.06 6.75
CA THR B 52 -0.46 6.52 6.65
C THR B 52 -0.19 5.60 7.84
N ARG B 53 0.89 4.85 7.75
CA ARG B 53 1.32 4.01 8.90
C ARG B 53 1.57 4.91 10.11
N ARG B 54 2.22 6.06 9.90
CA ARG B 54 2.50 6.99 11.01
C ARG B 54 1.18 7.49 11.62
N GLY B 55 0.14 7.63 10.82
CA GLY B 55 -1.17 8.05 11.30
C GLY B 55 -1.58 9.41 10.79
N ASN B 56 -0.92 9.93 9.77
CA ASN B 56 -1.41 11.17 9.12
C ASN B 56 -2.63 10.83 8.27
N THR B 57 -3.56 11.79 8.13
CA THR B 57 -4.85 11.52 7.48
C THR B 57 -5.12 12.53 6.37
N TYR B 58 -5.90 12.06 5.42
CA TYR B 58 -6.62 12.84 4.40
C TYR B 58 -8.11 12.59 4.54
N TYR B 59 -8.91 13.66 4.45
CA TYR B 59 -10.38 13.63 4.35
C TYR B 59 -10.82 14.47 3.17
N ALA B 60 -11.75 13.93 2.40
CA ALA B 60 -12.49 14.66 1.36
C ALA B 60 -13.27 15.79 2.01
N ASP B 61 -13.50 16.87 1.24
CA ASP B 61 -14.19 18.07 1.77
C ASP B 61 -15.60 17.69 2.26
N THR B 62 -16.22 16.68 1.63
CA THR B 62 -17.62 16.22 1.83
C THR B 62 -17.75 15.58 3.21
N VAL B 63 -16.65 15.15 3.82
CA VAL B 63 -16.74 14.39 5.10
C VAL B 63 -15.85 14.94 6.20
N LYS B 64 -14.99 15.91 5.90
CA LYS B 64 -14.09 16.47 6.91
C LYS B 64 -14.90 16.93 8.13
N GLY B 65 -14.50 16.53 9.34
CA GLY B 65 -15.13 16.92 10.60
C GLY B 65 -16.22 15.95 11.03
N ARG B 66 -16.64 15.05 10.14
CA ARG B 66 -17.72 14.06 10.45
C ARG B 66 -17.20 12.63 10.52
N PHE B 67 -16.17 12.31 9.74
CA PHE B 67 -15.64 10.94 9.59
C PHE B 67 -14.25 10.87 10.22
N THR B 68 -13.89 9.71 10.75
CA THR B 68 -12.55 9.43 11.33
C THR B 68 -12.06 8.09 10.79
N ILE B 69 -10.95 8.10 10.09
CA ILE B 69 -10.27 6.89 9.60
C ILE B 69 -9.28 6.49 10.69
N SER B 70 -9.15 5.21 10.93
CA SER B 70 -8.15 4.71 11.90
C SER B 70 -7.66 3.36 11.43
N ARG B 71 -6.58 2.89 12.03
CA ARG B 71 -6.03 1.55 11.71
C ARG B 71 -5.61 0.89 13.02
N ASP B 72 -5.75 -0.41 13.06
CA ASP B 72 -5.13 -1.30 14.09
C ASP B 72 -4.22 -2.28 13.36
N ASN B 73 -2.91 -1.99 13.31
CA ASN B 73 -1.95 -2.81 12.51
C ASN B 73 -1.88 -4.19 13.15
N ALA B 74 -2.04 -4.27 14.48
CA ALA B 74 -1.95 -5.56 15.21
C ALA B 74 -3.10 -6.46 14.75
N LYS B 75 -4.26 -5.89 14.43
CA LYS B 75 -5.45 -6.66 13.94
C LYS B 75 -5.52 -6.63 12.41
N ASN B 76 -4.62 -5.91 11.73
CA ASN B 76 -4.66 -5.80 10.24
C ASN B 76 -6.03 -5.28 9.81
N THR B 77 -6.60 -4.34 10.55
CA THR B 77 -7.96 -3.79 10.29
C THR B 77 -7.92 -2.27 10.13
N LEU B 78 -8.64 -1.79 9.14
CA LEU B 78 -8.91 -0.36 8.91
C LEU B 78 -10.35 -0.05 9.28
N TYR B 79 -10.61 1.13 9.82
CA TYR B 79 -11.98 1.56 10.23
C TYR B 79 -12.30 2.92 9.63
N LEU B 80 -13.58 3.15 9.35
CA LEU B 80 -14.14 4.47 9.00
C LEU B 80 -15.33 4.71 9.91
N GLN B 81 -15.16 5.53 10.91
CA GLN B 81 -16.23 5.91 11.85
C GLN B 81 -16.96 7.10 11.25
N MET B 82 -18.23 6.96 10.98
CA MET B 82 -18.97 8.03 10.28
C MET B 82 -20.05 8.59 11.21
N ASN B 83 -19.93 9.86 11.55
CA ASN B 83 -20.89 10.57 12.44
C ASN B 83 -21.68 11.58 11.62
N SER B 84 -22.80 12.04 12.18
CA SER B 84 -23.68 13.06 11.54
C SER B 84 -23.95 12.64 10.10
N LEU B 85 -24.38 11.40 9.89
CA LEU B 85 -24.54 10.87 8.53
C LEU B 85 -25.67 11.59 7.80
N LYS B 86 -25.50 11.79 6.50
CA LYS B 86 -26.44 12.50 5.61
C LYS B 86 -26.88 11.54 4.52
N PRO B 87 -28.08 11.71 3.93
CA PRO B 87 -28.49 10.89 2.79
C PRO B 87 -27.46 10.84 1.66
N GLU B 88 -26.70 11.93 1.48
CA GLU B 88 -25.71 12.04 0.38
C GLU B 88 -24.53 11.11 0.67
N ASP B 89 -24.40 10.56 1.88
CA ASP B 89 -23.32 9.61 2.24
C ASP B 89 -23.69 8.18 1.80
N THR B 90 -24.89 7.96 1.25
CA THR B 90 -25.36 6.63 0.82
C THR B 90 -24.46 6.20 -0.36
N ALA B 91 -23.83 5.03 -0.26
CA ALA B 91 -22.89 4.51 -1.26
C ALA B 91 -22.39 3.15 -0.81
N MET B 92 -21.74 2.46 -1.72
CA MET B 92 -20.85 1.33 -1.43
C MET B 92 -19.50 1.92 -0.96
N TYR B 93 -18.99 1.44 0.17
CA TYR B 93 -17.71 1.87 0.76
C TYR B 93 -16.69 0.76 0.55
N TYR B 94 -15.47 1.16 0.14
CA TYR B 94 -14.39 0.24 -0.26
C TYR B 94 -13.09 0.65 0.39
N CYS B 95 -12.25 -0.34 0.73
CA CYS B 95 -10.87 -0.04 1.17
C CYS B 95 -9.84 -0.60 0.18
N ALA B 96 -8.67 0.06 0.13
CA ALA B 96 -7.55 -0.29 -0.75
C ALA B 96 -6.27 0.29 -0.17
N ALA B 97 -5.16 -0.33 -0.49
CA ALA B 97 -3.81 0.25 -0.37
C ALA B 97 -3.61 1.29 -1.47
N LEU B 98 -2.98 2.40 -1.11
CA LEU B 98 -2.80 3.57 -2.03
C LEU B 98 -1.34 3.97 -2.15
N ALA B 99 -0.97 4.56 -3.29
CA ALA B 99 0.36 5.16 -3.49
C ALA B 99 0.43 6.54 -2.84
N ASP B 100 -0.67 7.30 -2.82
CA ASP B 100 -0.76 8.67 -2.27
C ASP B 100 -1.72 8.69 -1.09
N ILE B 101 -1.54 9.65 -0.20
CA ILE B 101 -2.43 9.85 0.97
C ILE B 101 -3.77 10.47 0.53
N ALA B 102 -3.80 11.26 -0.55
CA ALA B 102 -4.93 12.21 -0.81
C ALA B 102 -5.55 12.02 -2.19
N THR B 103 -5.10 11.05 -2.98
CA THR B 103 -5.69 10.79 -4.30
C THR B 103 -5.66 9.29 -4.56
N MET B 104 -6.50 8.85 -5.47
CA MET B 104 -6.51 7.47 -5.94
C MET B 104 -5.68 7.36 -7.21
N GLY B 105 -5.11 6.18 -7.40
CA GLY B 105 -4.35 5.88 -8.60
C GLY B 105 -5.26 5.40 -9.71
N PRO B 106 -4.68 5.12 -10.89
CA PRO B 106 -5.50 4.81 -12.05
C PRO B 106 -6.20 3.46 -11.94
N ASN B 107 -5.66 2.54 -11.14
CA ASN B 107 -6.21 1.15 -11.12
C ASN B 107 -5.98 0.54 -9.74
N ASP B 108 -6.55 1.11 -8.69
CA ASP B 108 -6.40 0.52 -7.33
C ASP B 108 -7.31 -0.69 -7.20
N TYR B 109 -6.92 -1.59 -6.30
CA TYR B 109 -7.64 -2.86 -5.99
C TYR B 109 -8.65 -2.54 -4.87
N TRP B 110 -9.89 -2.20 -5.20
CA TRP B 110 -10.98 -1.79 -4.26
C TRP B 110 -11.82 -2.96 -3.78
N GLY B 111 -11.75 -4.10 -4.46
CA GLY B 111 -12.51 -5.31 -4.09
C GLY B 111 -13.99 -5.03 -3.87
N GLN B 112 -14.59 -5.64 -2.82
CA GLN B 112 -16.03 -5.99 -2.88
C GLN B 112 -16.89 -4.89 -2.29
N GLY B 113 -16.45 -4.27 -1.19
CA GLY B 113 -17.18 -3.15 -0.60
C GLY B 113 -18.29 -3.59 0.33
N THR B 114 -18.88 -2.61 1.01
CA THR B 114 -20.02 -2.76 1.95
C THR B 114 -20.96 -1.57 1.74
N GLN B 115 -22.26 -1.82 1.71
CA GLN B 115 -23.27 -0.77 1.45
C GLN B 115 -23.64 -0.02 2.71
N VAL B 116 -23.63 1.30 2.64
CA VAL B 116 -24.10 2.21 3.71
C VAL B 116 -25.28 2.99 3.15
N THR B 117 -26.45 2.90 3.79
CA THR B 117 -27.63 3.66 3.36
C THR B 117 -28.09 4.56 4.48
N VAL B 118 -28.28 5.84 4.14
CA VAL B 118 -28.72 6.85 5.11
C VAL B 118 -30.08 7.35 4.65
N SER B 119 -31.08 7.20 5.52
CA SER B 119 -32.48 7.59 5.23
C SER B 119 -32.73 8.98 5.84
N GLY B 120 -33.47 9.85 5.12
CA GLY B 120 -33.75 11.25 5.48
C GLY B 120 -34.74 11.39 6.63
#